data_8QD0
#
_entry.id   8QD0
#
_cell.length_a   1.00
_cell.length_b   1.00
_cell.length_c   1.00
_cell.angle_alpha   90.00
_cell.angle_beta   90.00
_cell.angle_gamma   90.00
#
_symmetry.space_group_name_H-M   'P 1'
#
loop_
_entity.id
_entity.type
_entity.pdbx_description
1 polymer 'Heme transporter FLVCR2'
2 non-polymer 'CHOLINE ION'
#
_entity_poly.entity_id   1
_entity_poly.type   'polypeptide(L)'
_entity_poly.pdbx_seq_one_letter_code
;MVNEGPNQEESDDTPVPESALQADPSVSVHPSVSVHPSVSINPSVSVHPSSSAHPSALAQPSGLAHPSSSGPEDLSVIKV
SRRRWAVVLVFSCYSMCNSFQWIQYGSINNIFMHFYGVSAFAIDWLSMCYMLTYIPLLLPVAWLLEKFGLRTIALTGSAL
NCLGAWVKLGSLKPHLFPVTVVGQLICSVAQVFILGMPSRIASVWFGANEVSTACSVAVFGNQLGIAIGFLVPPVLVPNI
EDRDELAYHISIMFYIIGGVATLLLILVIIVFKEKPKYPPSRAQSLSYALTSPDASYLGSIARLFKNLNFVLLVITYGLN
AGAFYALSTLLNRMVIWHYPGEEVNAGRIGLTIVIAGMLGAVISGIWLDRSKTYKETTLVVYIMTLVGMVVYTFTLNLGH
LWVVFITAGTMGFFMTGYLPLGFEFAVELTYPESEGISSGLLNISAQVFGIIFTISQGQIIDNYGTKPGNIFLCVFLTLG
AALTAFIKADLRRQKANKETLENKLQEEEEESNTSKVPTAVSEDHLDYKDDDDK
;
_entity_poly.pdbx_strand_id   A
#
# COMPACT_ATOMS: atom_id res chain seq x y z
N ILE A 78 1.24 34.48 2.27
CA ILE A 78 0.84 33.08 2.18
C ILE A 78 -0.45 32.96 1.37
N LYS A 79 -0.38 32.21 0.27
CA LYS A 79 -1.52 32.01 -0.61
C LYS A 79 -1.51 30.58 -1.12
N VAL A 80 -2.70 30.04 -1.34
CA VAL A 80 -2.89 28.68 -1.85
C VAL A 80 -3.17 28.77 -3.34
N SER A 81 -2.82 27.72 -4.07
CA SER A 81 -2.86 27.75 -5.53
C SER A 81 -3.78 26.66 -6.05
N ARG A 82 -4.33 26.91 -7.25
CA ARG A 82 -5.22 25.94 -7.88
C ARG A 82 -4.48 24.67 -8.29
N ARG A 83 -3.17 24.78 -8.55
CA ARG A 83 -2.38 23.65 -9.03
C ARG A 83 -2.28 22.53 -7.99
N ARG A 84 -2.55 22.83 -6.71
CA ARG A 84 -2.33 21.84 -5.66
C ARG A 84 -3.12 20.57 -5.92
N TRP A 85 -4.32 20.69 -6.49
CA TRP A 85 -5.10 19.50 -6.81
C TRP A 85 -4.53 18.77 -8.02
N ALA A 86 -4.04 19.51 -9.02
CA ALA A 86 -3.47 18.88 -10.20
C ALA A 86 -2.28 18.01 -9.82
N VAL A 87 -1.43 18.50 -8.91
CA VAL A 87 -0.29 17.71 -8.45
C VAL A 87 -0.77 16.45 -7.73
N VAL A 88 -1.85 16.57 -6.96
CA VAL A 88 -2.33 15.42 -6.20
C VAL A 88 -2.90 14.34 -7.13
N LEU A 89 -3.74 14.74 -8.07
CA LEU A 89 -4.34 13.73 -8.96
C LEU A 89 -3.28 13.06 -9.83
N VAL A 90 -2.34 13.84 -10.37
CA VAL A 90 -1.33 13.24 -11.24
C VAL A 90 -0.44 12.30 -10.41
N PHE A 91 -0.10 12.69 -9.19
CA PHE A 91 0.62 11.78 -8.32
C PHE A 91 -0.25 10.58 -7.95
N SER A 92 -1.52 10.84 -7.60
CA SER A 92 -2.42 9.74 -7.26
C SER A 92 -2.66 8.83 -8.45
N CYS A 93 -2.59 9.38 -9.67
CA CYS A 93 -2.82 8.57 -10.85
C CYS A 93 -1.65 7.63 -11.12
N TYR A 94 -0.41 8.13 -11.02
CA TYR A 94 0.73 7.26 -11.26
C TYR A 94 1.13 6.47 -10.02
N SER A 95 0.79 6.94 -8.83
CA SER A 95 0.84 6.05 -7.67
C SER A 95 -0.17 4.92 -7.81
N MET A 96 -1.36 5.23 -8.32
CA MET A 96 -2.31 4.18 -8.70
C MET A 96 -1.73 3.32 -9.82
N CYS A 97 -1.07 3.95 -10.79
CA CYS A 97 -0.44 3.18 -11.86
C CYS A 97 0.68 2.28 -11.33
N ASN A 98 1.49 2.80 -10.40
CA ASN A 98 2.56 1.97 -9.85
C ASN A 98 2.01 0.85 -8.99
N SER A 99 1.03 1.14 -8.13
CA SER A 99 0.39 0.10 -7.35
C SER A 99 -0.39 -0.87 -8.24
N PHE A 100 -0.79 -0.41 -9.42
CA PHE A 100 -1.34 -1.32 -10.43
C PHE A 100 -0.31 -2.38 -10.80
N GLN A 101 0.93 -1.97 -11.05
CA GLN A 101 1.95 -2.91 -11.50
C GLN A 101 2.40 -3.84 -10.38
N TRP A 102 2.25 -3.43 -9.12
CA TRP A 102 2.60 -4.32 -8.02
C TRP A 102 1.70 -5.56 -8.02
N ILE A 103 0.39 -5.35 -8.08
CA ILE A 103 -0.57 -6.45 -8.09
C ILE A 103 -0.94 -6.87 -9.50
N GLN A 104 -0.33 -6.26 -10.53
CA GLN A 104 -0.59 -6.59 -11.92
C GLN A 104 -0.42 -8.08 -12.18
N TYR A 105 0.70 -8.64 -11.70
CA TYR A 105 0.95 -10.07 -11.79
C TYR A 105 0.18 -10.84 -10.72
N GLY A 106 0.08 -10.29 -9.52
CA GLY A 106 -0.60 -10.98 -8.44
C GLY A 106 -2.08 -11.17 -8.68
N SER A 107 -2.75 -10.15 -9.22
CA SER A 107 -4.19 -10.22 -9.48
C SER A 107 -4.55 -11.27 -10.53
N ILE A 108 -3.64 -11.59 -11.43
CA ILE A 108 -3.87 -12.60 -12.47
C ILE A 108 -2.81 -13.68 -12.33
N ASN A 109 -2.42 -13.95 -11.07
CA ASN A 109 -1.32 -14.87 -10.78
C ASN A 109 -1.51 -16.23 -11.43
N ASN A 110 -2.76 -16.69 -11.55
CA ASN A 110 -3.01 -18.01 -12.09
C ASN A 110 -2.57 -18.14 -13.54
N ILE A 111 -2.59 -17.04 -14.29
CA ILE A 111 -2.27 -17.05 -15.71
C ILE A 111 -0.80 -16.79 -15.97
N PHE A 112 -0.21 -15.82 -15.26
CA PHE A 112 1.22 -15.55 -15.44
C PHE A 112 2.07 -16.77 -15.09
N MET A 113 1.53 -17.69 -14.28
CA MET A 113 2.18 -18.98 -14.09
C MET A 113 2.29 -19.72 -15.42
N HIS A 114 1.21 -19.70 -16.20
CA HIS A 114 1.19 -20.46 -17.45
C HIS A 114 2.03 -19.78 -18.52
N PHE A 115 1.99 -18.46 -18.58
CA PHE A 115 2.70 -17.73 -19.63
C PHE A 115 4.20 -17.95 -19.54
N TYR A 116 4.76 -17.82 -18.34
CA TYR A 116 6.20 -17.98 -18.16
C TYR A 116 6.59 -19.40 -17.81
N GLY A 117 5.64 -20.27 -17.51
CA GLY A 117 5.94 -21.64 -17.15
C GLY A 117 6.78 -21.78 -15.91
N VAL A 118 6.41 -21.04 -14.86
CA VAL A 118 7.12 -21.06 -13.59
C VAL A 118 6.15 -21.42 -12.48
N SER A 119 6.71 -21.79 -11.33
CA SER A 119 5.91 -22.15 -10.17
C SER A 119 5.27 -20.91 -9.55
N ALA A 120 4.37 -21.15 -8.59
CA ALA A 120 3.67 -20.05 -7.94
C ALA A 120 4.64 -19.11 -7.23
N PHE A 121 5.60 -19.66 -6.50
CA PHE A 121 6.50 -18.86 -5.66
C PHE A 121 7.22 -17.79 -6.48
N ALA A 122 7.44 -18.07 -7.77
CA ALA A 122 8.14 -17.10 -8.62
C ALA A 122 7.32 -15.83 -8.83
N ILE A 123 6.01 -15.98 -9.07
CA ILE A 123 5.20 -14.81 -9.42
C ILE A 123 5.02 -13.89 -8.23
N ASP A 124 4.77 -14.44 -7.03
CA ASP A 124 4.65 -13.59 -5.85
C ASP A 124 5.91 -12.80 -5.59
N TRP A 125 7.06 -13.27 -6.09
CA TRP A 125 8.29 -12.49 -5.96
C TRP A 125 8.20 -11.18 -6.73
N LEU A 126 7.39 -11.13 -7.79
CA LEU A 126 7.17 -9.87 -8.50
C LEU A 126 6.45 -8.87 -7.61
N SER A 127 5.46 -9.33 -6.84
CA SER A 127 4.85 -8.50 -5.82
C SER A 127 5.72 -8.38 -4.57
N MET A 128 6.52 -9.41 -4.28
CA MET A 128 7.41 -9.37 -3.13
C MET A 128 8.65 -8.53 -3.38
N CYS A 129 9.09 -8.40 -4.64
CA CYS A 129 10.24 -7.55 -4.93
C CYS A 129 9.95 -6.08 -4.67
N TYR A 130 8.68 -5.68 -4.72
CA TYR A 130 8.30 -4.37 -4.19
C TYR A 130 8.61 -4.28 -2.71
N MET A 131 8.35 -5.37 -1.98
CA MET A 131 8.48 -5.38 -0.53
C MET A 131 9.94 -5.55 -0.11
N LEU A 132 10.69 -6.40 -0.83
CA LEU A 132 12.09 -6.63 -0.47
C LEU A 132 12.95 -5.42 -0.81
N THR A 133 12.61 -4.68 -1.87
CA THR A 133 13.42 -3.54 -2.26
C THR A 133 13.21 -2.34 -1.35
N TYR A 134 12.03 -2.22 -0.75
CA TYR A 134 11.71 -1.05 0.06
C TYR A 134 12.59 -0.99 1.31
N ILE A 135 12.87 -2.15 1.91
CA ILE A 135 13.56 -2.21 3.20
C ILE A 135 14.95 -1.60 3.15
N PRO A 136 15.84 -1.99 2.22
CA PRO A 136 17.19 -1.43 2.26
C PRO A 136 17.31 -0.07 1.59
N LEU A 137 16.46 0.24 0.61
CA LEU A 137 16.59 1.47 -0.15
C LEU A 137 15.79 2.64 0.41
N LEU A 138 14.98 2.42 1.45
CA LEU A 138 14.15 3.51 1.96
C LEU A 138 15.03 4.65 2.50
N LEU A 139 16.04 4.30 3.30
CA LEU A 139 16.92 5.34 3.84
C LEU A 139 17.71 6.05 2.75
N PRO A 140 18.34 5.37 1.78
CA PRO A 140 18.98 6.11 0.68
C PRO A 140 18.03 6.99 -0.10
N VAL A 141 16.80 6.53 -0.32
CA VAL A 141 15.82 7.35 -1.05
C VAL A 141 15.41 8.56 -0.21
N ALA A 142 15.26 8.38 1.10
CA ALA A 142 15.00 9.52 1.96
C ALA A 142 16.14 10.54 1.88
N TRP A 143 17.37 10.06 1.71
CA TRP A 143 18.50 10.96 1.51
C TRP A 143 18.37 11.71 0.18
N LEU A 144 17.97 11.01 -0.89
CA LEU A 144 17.83 11.65 -2.19
C LEU A 144 16.78 12.74 -2.16
N LEU A 145 15.66 12.48 -1.49
CA LEU A 145 14.58 13.47 -1.41
C LEU A 145 15.06 14.72 -0.68
N GLU A 146 15.83 14.55 0.39
CA GLU A 146 16.27 15.69 1.18
C GLU A 146 17.20 16.61 0.38
N LYS A 147 17.90 16.07 -0.61
CA LYS A 147 18.82 16.89 -1.39
C LYS A 147 18.16 17.46 -2.64
N PHE A 148 17.56 16.58 -3.45
CA PHE A 148 17.08 16.96 -4.77
C PHE A 148 15.66 17.51 -4.78
N GLY A 149 14.97 17.49 -3.65
CA GLY A 149 13.65 18.11 -3.57
C GLY A 149 12.52 17.19 -3.99
N LEU A 150 11.34 17.80 -4.06
CA LEU A 150 10.11 17.05 -4.32
C LEU A 150 10.02 16.60 -5.77
N ARG A 151 10.34 17.49 -6.72
CA ARG A 151 10.05 17.23 -8.12
C ARG A 151 10.89 16.08 -8.67
N THR A 152 12.18 16.04 -8.34
CA THR A 152 13.05 15.01 -8.89
C THR A 152 12.62 13.61 -8.47
N ILE A 153 12.16 13.46 -7.22
CA ILE A 153 11.61 12.18 -6.77
C ILE A 153 10.33 11.86 -7.53
N ALA A 154 9.53 12.88 -7.83
CA ALA A 154 8.33 12.67 -8.62
C ALA A 154 8.66 12.20 -10.03
N LEU A 155 9.67 12.80 -10.65
CA LEU A 155 10.07 12.39 -11.99
C LEU A 155 10.73 11.02 -11.96
N THR A 156 11.64 10.79 -11.02
CA THR A 156 12.34 9.52 -10.93
C THR A 156 11.36 8.38 -10.64
N GLY A 157 10.41 8.61 -9.74
CA GLY A 157 9.40 7.59 -9.47
C GLY A 157 8.54 7.31 -10.69
N SER A 158 8.15 8.37 -11.40
CA SER A 158 7.31 8.18 -12.59
C SER A 158 8.11 7.62 -13.76
N ALA A 159 9.33 8.09 -13.96
CA ALA A 159 10.15 7.59 -15.07
C ALA A 159 10.48 6.12 -14.89
N LEU A 160 10.87 5.72 -13.68
CA LEU A 160 11.15 4.31 -13.42
C LEU A 160 9.87 3.47 -13.56
N ASN A 161 8.74 4.02 -13.12
CA ASN A 161 7.47 3.35 -13.37
C ASN A 161 7.19 3.25 -14.86
N CYS A 162 7.47 4.32 -15.61
CA CYS A 162 7.31 4.28 -17.06
C CYS A 162 8.33 3.34 -17.70
N LEU A 163 9.60 3.47 -17.29
CA LEU A 163 10.64 2.61 -17.85
C LEU A 163 10.37 1.14 -17.54
N GLY A 164 9.97 0.84 -16.30
CA GLY A 164 9.66 -0.53 -15.96
C GLY A 164 8.47 -1.07 -16.75
N ALA A 165 7.50 -0.19 -17.05
CA ALA A 165 6.37 -0.59 -17.86
C ALA A 165 6.79 -0.92 -19.29
N TRP A 166 7.70 -0.13 -19.87
CA TRP A 166 8.12 -0.37 -21.24
C TRP A 166 9.06 -1.57 -21.34
N VAL A 167 9.83 -1.83 -20.27
CA VAL A 167 10.69 -3.01 -20.27
C VAL A 167 9.87 -4.28 -20.34
N LYS A 168 8.68 -4.29 -19.73
CA LYS A 168 7.85 -5.47 -19.72
C LYS A 168 7.39 -5.87 -21.12
N LEU A 169 7.42 -4.92 -22.07
CA LEU A 169 7.09 -5.27 -23.45
C LEU A 169 8.07 -6.27 -24.02
N GLY A 170 9.35 -6.14 -23.72
CA GLY A 170 10.35 -7.09 -24.20
C GLY A 170 10.33 -8.41 -23.48
N SER A 171 9.46 -8.58 -22.49
CA SER A 171 9.34 -9.81 -21.73
C SER A 171 8.17 -10.67 -22.17
N LEU A 172 7.52 -10.33 -23.28
CA LEU A 172 6.30 -11.03 -23.68
C LEU A 172 6.61 -12.32 -24.42
N LYS A 173 7.40 -13.20 -23.79
CA LYS A 173 7.68 -14.52 -24.30
C LYS A 173 7.79 -15.49 -23.14
N PRO A 174 7.49 -16.77 -23.37
CA PRO A 174 7.57 -17.75 -22.27
C PRO A 174 8.98 -17.94 -21.72
N HIS A 175 10.00 -17.55 -22.49
CA HIS A 175 11.39 -17.75 -22.10
C HIS A 175 12.07 -16.46 -21.66
N LEU A 176 11.32 -15.38 -21.49
CA LEU A 176 11.88 -14.10 -21.08
C LEU A 176 11.37 -13.65 -19.71
N PHE A 177 11.18 -14.61 -18.80
CA PHE A 177 10.76 -14.27 -17.44
C PHE A 177 11.72 -13.33 -16.71
N PRO A 178 13.04 -13.50 -16.78
CA PRO A 178 13.91 -12.53 -16.09
C PRO A 178 13.74 -11.11 -16.58
N VAL A 179 13.31 -10.91 -17.83
CA VAL A 179 13.12 -9.56 -18.35
C VAL A 179 12.01 -8.85 -17.59
N THR A 180 10.89 -9.53 -17.34
CA THR A 180 9.82 -8.91 -16.57
C THR A 180 10.19 -8.75 -15.10
N VAL A 181 11.08 -9.61 -14.59
CA VAL A 181 11.61 -9.42 -13.25
C VAL A 181 12.45 -8.14 -13.19
N VAL A 182 13.29 -7.93 -14.21
CA VAL A 182 14.06 -6.70 -14.30
C VAL A 182 13.14 -5.50 -14.40
N GLY A 183 12.10 -5.60 -15.23
CA GLY A 183 11.13 -4.52 -15.33
C GLY A 183 10.38 -4.29 -14.04
N GLN A 184 9.93 -5.38 -13.39
CA GLN A 184 9.22 -5.24 -12.14
C GLN A 184 10.12 -4.70 -11.03
N LEU A 185 11.40 -5.07 -11.02
CA LEU A 185 12.34 -4.48 -10.07
C LEU A 185 12.46 -2.98 -10.29
N ILE A 186 12.50 -2.55 -11.56
CA ILE A 186 12.55 -1.12 -11.85
C ILE A 186 11.28 -0.44 -11.34
N CYS A 187 10.12 -1.06 -11.56
CA CYS A 187 8.89 -0.55 -10.95
C CYS A 187 8.94 -0.66 -9.43
N SER A 188 9.56 -1.71 -8.90
CA SER A 188 9.70 -1.85 -7.46
C SER A 188 10.65 -0.81 -6.89
N VAL A 189 11.70 -0.46 -7.64
CA VAL A 189 12.57 0.64 -7.24
C VAL A 189 11.84 1.96 -7.41
N ALA A 190 10.79 2.00 -8.23
CA ALA A 190 9.99 3.21 -8.36
C ALA A 190 9.12 3.43 -7.12
N GLN A 191 8.78 2.35 -6.41
CA GLN A 191 7.87 2.48 -5.28
C GLN A 191 8.48 3.29 -4.13
N VAL A 192 9.77 3.09 -3.86
CA VAL A 192 10.40 3.81 -2.75
C VAL A 192 10.36 5.31 -2.99
N PHE A 193 10.33 5.73 -4.25
CA PHE A 193 10.16 7.13 -4.61
C PHE A 193 8.69 7.56 -4.58
N ILE A 194 7.78 6.66 -4.26
CA ILE A 194 6.34 6.91 -4.34
C ILE A 194 5.68 6.81 -2.97
N LEU A 195 5.82 5.67 -2.29
CA LEU A 195 5.18 5.48 -1.00
C LEU A 195 5.69 6.43 0.07
N GLY A 196 6.89 6.99 -0.11
CA GLY A 196 7.43 7.87 0.89
C GLY A 196 6.83 9.26 0.90
N MET A 197 6.20 9.68 -0.20
CA MET A 197 5.75 11.06 -0.28
C MET A 197 4.28 11.27 -0.58
N PRO A 198 3.35 10.50 0.00
CA PRO A 198 1.97 11.00 0.06
C PRO A 198 1.79 12.13 1.07
N SER A 199 2.40 12.01 2.24
CA SER A 199 2.32 13.08 3.24
C SER A 199 3.23 14.23 2.89
N ARG A 200 4.35 13.96 2.21
CA ARG A 200 5.29 15.02 1.85
C ARG A 200 4.65 16.00 0.86
N ILE A 201 3.90 15.50 -0.11
CA ILE A 201 3.20 16.36 -1.05
C ILE A 201 2.15 17.19 -0.31
N ALA A 202 1.50 16.57 0.68
CA ALA A 202 0.44 17.26 1.41
C ALA A 202 0.95 18.51 2.12
N SER A 203 2.15 18.43 2.69
CA SER A 203 2.70 19.59 3.39
C SER A 203 3.18 20.66 2.43
N VAL A 204 3.72 20.28 1.28
CA VAL A 204 4.30 21.25 0.35
C VAL A 204 3.22 22.11 -0.29
N TRP A 205 2.08 21.51 -0.64
CA TRP A 205 1.11 22.17 -1.50
C TRP A 205 -0.15 22.65 -0.79
N PHE A 206 -0.42 22.20 0.43
CA PHE A 206 -1.73 22.40 1.04
C PHE A 206 -1.63 23.19 2.34
N GLY A 207 -2.74 23.85 2.69
CA GLY A 207 -2.82 24.52 3.97
C GLY A 207 -3.04 23.55 5.11
N ALA A 208 -3.03 24.09 6.33
CA ALA A 208 -3.06 23.24 7.52
C ALA A 208 -4.31 22.39 7.60
N ASN A 209 -5.49 22.97 7.30
CA ASN A 209 -6.73 22.21 7.40
C ASN A 209 -6.86 21.19 6.28
N GLU A 210 -6.19 21.42 5.14
CA GLU A 210 -6.34 20.54 3.99
C GLU A 210 -5.25 19.48 3.92
N VAL A 211 -4.31 19.46 4.86
CA VAL A 211 -3.23 18.47 4.83
C VAL A 211 -3.80 17.07 4.98
N SER A 212 -4.66 16.87 5.98
CA SER A 212 -5.24 15.55 6.21
C SER A 212 -6.13 15.10 5.07
N THR A 213 -6.82 16.03 4.41
CA THR A 213 -7.63 15.67 3.25
C THR A 213 -6.73 15.28 2.08
N ALA A 214 -5.70 16.07 1.81
CA ALA A 214 -4.79 15.76 0.71
C ALA A 214 -4.03 14.47 0.96
N CYS A 215 -3.56 14.27 2.20
CA CYS A 215 -2.80 13.07 2.51
C CYS A 215 -3.65 11.81 2.30
N SER A 216 -4.91 11.87 2.70
CA SER A 216 -5.81 10.72 2.49
C SER A 216 -5.99 10.42 1.01
N VAL A 217 -6.28 11.44 0.21
CA VAL A 217 -6.55 11.22 -1.21
C VAL A 217 -5.32 10.63 -1.90
N ALA A 218 -4.14 11.14 -1.57
CA ALA A 218 -2.91 10.58 -2.14
C ALA A 218 -2.72 9.13 -1.71
N VAL A 219 -3.02 8.82 -0.44
CA VAL A 219 -2.90 7.45 0.03
C VAL A 219 -3.99 6.58 -0.58
N PHE A 220 -5.23 7.09 -0.64
CA PHE A 220 -6.31 6.32 -1.24
C PHE A 220 -6.08 6.09 -2.72
N GLY A 221 -5.33 6.97 -3.38
CA GLY A 221 -4.93 6.70 -4.75
C GLY A 221 -4.08 5.45 -4.88
N ASN A 222 -3.15 5.26 -3.93
CA ASN A 222 -2.36 4.04 -3.90
C ASN A 222 -3.23 2.82 -3.67
N GLN A 223 -4.19 2.93 -2.74
CA GLN A 223 -5.12 1.83 -2.53
C GLN A 223 -6.00 1.61 -3.75
N LEU A 224 -6.46 2.69 -4.38
CA LEU A 224 -7.27 2.54 -5.59
C LEU A 224 -6.49 1.84 -6.69
N GLY A 225 -5.16 1.99 -6.71
CA GLY A 225 -4.35 1.25 -7.65
C GLY A 225 -4.47 -0.26 -7.45
N ILE A 226 -4.47 -0.70 -6.19
CA ILE A 226 -4.67 -2.11 -5.91
C ILE A 226 -6.06 -2.55 -6.35
N ALA A 227 -7.08 -1.74 -6.07
CA ALA A 227 -8.43 -2.07 -6.48
C ALA A 227 -8.54 -2.12 -8.00
N ILE A 228 -8.06 -1.07 -8.67
CA ILE A 228 -8.06 -1.08 -10.14
C ILE A 228 -7.12 -2.16 -10.65
N GLY A 229 -6.01 -2.39 -9.95
CA GLY A 229 -5.10 -3.46 -10.32
C GLY A 229 -5.66 -4.84 -10.09
N PHE A 230 -6.75 -4.97 -9.34
CA PHE A 230 -7.43 -6.24 -9.17
C PHE A 230 -8.52 -6.44 -10.22
N LEU A 231 -9.30 -5.40 -10.49
CA LEU A 231 -10.46 -5.54 -11.37
C LEU A 231 -10.05 -5.64 -12.84
N VAL A 232 -9.08 -4.82 -13.26
CA VAL A 232 -8.80 -4.62 -14.69
C VAL A 232 -8.05 -5.78 -15.31
N PRO A 233 -6.92 -6.25 -14.75
CA PRO A 233 -6.11 -7.27 -15.44
C PRO A 233 -6.88 -8.53 -15.82
N PRO A 234 -7.77 -9.05 -14.97
CA PRO A 234 -8.56 -10.23 -15.40
C PRO A 234 -9.60 -9.93 -16.45
N VAL A 235 -10.06 -8.68 -16.56
CA VAL A 235 -10.96 -8.32 -17.66
C VAL A 235 -10.20 -8.33 -18.99
N LEU A 236 -8.97 -7.83 -18.99
CA LEU A 236 -8.19 -7.76 -20.22
C LEU A 236 -7.67 -9.12 -20.65
N VAL A 237 -7.28 -9.98 -19.70
CA VAL A 237 -6.62 -11.24 -20.01
C VAL A 237 -7.46 -12.42 -19.57
N PRO A 238 -8.17 -13.09 -20.48
CA PRO A 238 -8.87 -14.32 -20.12
C PRO A 238 -7.90 -15.47 -19.89
N ASN A 239 -8.42 -16.53 -19.28
CA ASN A 239 -7.63 -17.74 -19.03
C ASN A 239 -7.64 -18.57 -20.31
N ILE A 240 -6.55 -18.49 -21.09
CA ILE A 240 -6.41 -19.25 -22.32
C ILE A 240 -5.06 -19.93 -22.32
N GLU A 241 -5.02 -21.16 -22.80
CA GLU A 241 -3.79 -21.94 -22.82
C GLU A 241 -2.96 -21.73 -24.07
N ASP A 242 -3.43 -20.92 -25.02
CA ASP A 242 -2.66 -20.64 -26.22
C ASP A 242 -1.63 -19.58 -25.88
N ARG A 243 -0.35 -19.91 -26.05
CA ARG A 243 0.73 -19.01 -25.64
C ARG A 243 0.73 -17.73 -26.44
N ASP A 244 0.50 -17.80 -27.75
CA ASP A 244 0.59 -16.62 -28.60
C ASP A 244 -0.56 -15.66 -28.40
N GLU A 245 -1.80 -16.15 -28.31
CA GLU A 245 -2.93 -15.27 -28.01
C GLU A 245 -2.79 -14.69 -26.61
N LEU A 246 -2.29 -15.49 -25.66
CA LEU A 246 -2.04 -14.98 -24.32
C LEU A 246 -1.03 -13.84 -24.36
N ALA A 247 0.04 -14.00 -25.15
CA ALA A 247 1.01 -12.92 -25.29
C ALA A 247 0.37 -11.68 -25.90
N TYR A 248 -0.68 -11.86 -26.69
CA TYR A 248 -1.33 -10.71 -27.33
C TYR A 248 -2.11 -9.89 -26.32
N HIS A 249 -2.87 -10.55 -25.44
CA HIS A 249 -3.70 -9.83 -24.48
C HIS A 249 -2.87 -9.16 -23.40
N ILE A 250 -1.87 -9.86 -22.87
CA ILE A 250 -0.99 -9.27 -21.87
C ILE A 250 -0.25 -8.08 -22.46
N SER A 251 0.04 -8.12 -23.76
CA SER A 251 0.65 -6.99 -24.42
C SER A 251 -0.24 -5.76 -24.37
N ILE A 252 -1.55 -5.95 -24.54
CA ILE A 252 -2.49 -4.84 -24.50
C ILE A 252 -2.50 -4.20 -23.11
N MET A 253 -2.51 -5.02 -22.06
CA MET A 253 -2.41 -4.48 -20.71
C MET A 253 -1.07 -3.77 -20.51
N PHE A 254 0.01 -4.38 -20.99
CA PHE A 254 1.32 -3.75 -20.92
C PHE A 254 1.37 -2.46 -21.72
N TYR A 255 0.70 -2.44 -22.87
CA TYR A 255 0.65 -1.23 -23.69
C TYR A 255 -0.14 -0.13 -22.99
N ILE A 256 -1.30 -0.47 -22.44
CA ILE A 256 -2.12 0.53 -21.76
C ILE A 256 -1.38 1.06 -20.54
N ILE A 257 -0.87 0.16 -19.69
CA ILE A 257 -0.14 0.59 -18.50
C ILE A 257 1.12 1.33 -18.90
N GLY A 258 1.85 0.83 -19.90
CA GLY A 258 2.96 1.58 -20.45
C GLY A 258 2.52 2.90 -21.05
N GLY A 259 1.40 2.89 -21.77
CA GLY A 259 0.87 4.14 -22.32
C GLY A 259 0.40 5.10 -21.25
N VAL A 260 -0.32 4.58 -20.25
CA VAL A 260 -0.81 5.44 -19.17
C VAL A 260 0.36 6.01 -18.37
N ALA A 261 1.35 5.17 -18.06
CA ALA A 261 2.52 5.64 -17.32
C ALA A 261 3.26 6.71 -18.12
N THR A 262 3.41 6.51 -19.43
CA THR A 262 4.04 7.53 -20.26
C THR A 262 3.23 8.81 -20.27
N LEU A 263 1.90 8.70 -20.39
CA LEU A 263 1.05 9.88 -20.33
C LEU A 263 1.18 10.58 -18.99
N LEU A 264 1.17 9.81 -17.90
CA LEU A 264 1.33 10.39 -16.58
C LEU A 264 2.73 10.99 -16.40
N LEU A 265 3.75 10.34 -16.97
CA LEU A 265 5.10 10.91 -16.93
C LEU A 265 5.14 12.24 -17.68
N ILE A 266 4.49 12.33 -18.84
CA ILE A 266 4.39 13.59 -19.56
C ILE A 266 3.64 14.61 -18.71
N LEU A 267 2.55 14.19 -18.06
CA LEU A 267 1.82 15.09 -17.18
C LEU A 267 2.67 15.52 -16.00
N VAL A 268 3.44 14.59 -15.43
CA VAL A 268 4.32 14.92 -14.30
C VAL A 268 5.34 15.96 -14.72
N ILE A 269 5.84 15.87 -15.96
CA ILE A 269 6.84 16.83 -16.44
C ILE A 269 6.26 18.24 -16.46
N ILE A 270 4.99 18.37 -16.85
CA ILE A 270 4.45 19.70 -17.13
C ILE A 270 3.71 20.31 -15.94
N VAL A 271 3.18 19.50 -15.01
CA VAL A 271 2.38 20.02 -13.91
C VAL A 271 3.19 20.09 -12.62
N PHE A 272 4.11 19.16 -12.39
CA PHE A 272 4.92 19.21 -11.18
C PHE A 272 5.89 20.38 -11.23
N LYS A 273 6.05 21.06 -10.09
CA LYS A 273 6.99 22.15 -9.95
C LYS A 273 7.82 21.94 -8.69
N GLU A 274 8.99 22.57 -8.66
CA GLU A 274 9.87 22.44 -7.52
C GLU A 274 9.22 22.97 -6.25
N LYS A 275 8.68 24.19 -6.30
CA LYS A 275 8.01 24.80 -5.17
C LYS A 275 6.77 25.51 -5.67
N PRO A 276 5.71 25.64 -4.84
CA PRO A 276 4.61 26.45 -5.26
C PRO A 276 5.07 27.88 -5.49
N LYS A 277 4.21 28.66 -6.10
CA LYS A 277 4.48 30.09 -6.30
C LYS A 277 4.56 30.81 -4.97
N TYR A 278 3.56 30.62 -4.12
CA TYR A 278 3.49 31.21 -2.79
C TYR A 278 3.37 30.08 -1.78
N PRO A 279 3.87 30.28 -0.56
CA PRO A 279 3.71 29.26 0.49
C PRO A 279 2.24 29.01 0.77
N PRO A 280 1.84 27.74 0.96
CA PRO A 280 0.41 27.43 1.13
C PRO A 280 -0.11 27.57 2.56
N SER A 281 0.75 27.55 3.57
CA SER A 281 0.29 27.60 4.95
C SER A 281 1.34 28.27 5.81
N ARG A 282 0.92 28.69 7.00
CA ARG A 282 1.85 29.29 7.95
C ARG A 282 2.88 28.28 8.43
N ALA A 283 2.48 27.03 8.62
CA ALA A 283 3.42 25.98 9.01
C ALA A 283 4.45 25.76 7.91
N GLN A 284 4.01 25.74 6.65
CA GLN A 284 4.95 25.56 5.55
C GLN A 284 5.83 26.78 5.35
N SER A 285 5.29 27.98 5.54
CA SER A 285 6.09 29.19 5.41
C SER A 285 7.17 29.24 6.48
N LEU A 286 6.85 28.81 7.71
CA LEU A 286 7.85 28.77 8.76
C LEU A 286 8.94 27.76 8.43
N SER A 287 8.56 26.63 7.81
CA SER A 287 9.56 25.64 7.41
C SER A 287 10.52 26.22 6.37
N TYR A 288 9.98 26.97 5.40
CA TYR A 288 10.84 27.62 4.42
C TYR A 288 11.71 28.68 5.06
N ALA A 289 11.15 29.46 6.01
CA ALA A 289 11.94 30.46 6.70
C ALA A 289 13.03 29.83 7.55
N LEU A 290 12.73 28.70 8.20
CA LEU A 290 13.71 28.02 9.02
C LEU A 290 14.67 27.20 8.16
N THR A 291 14.14 26.23 7.41
CA THR A 291 14.91 25.35 6.55
C THR A 291 16.01 24.61 7.33
N ALA A 295 15.88 16.78 13.87
CA ALA A 295 17.12 16.02 13.92
C ALA A 295 17.29 15.19 12.65
N SER A 296 18.37 14.40 12.60
CA SER A 296 18.65 13.58 11.45
C SER A 296 17.78 12.33 11.44
N TYR A 297 17.75 11.65 10.29
CA TYR A 297 17.01 10.40 10.18
C TYR A 297 17.60 9.34 11.10
N LEU A 298 18.93 9.27 11.18
CA LEU A 298 19.57 8.31 12.06
C LEU A 298 19.25 8.59 13.53
N GLY A 299 19.22 9.86 13.92
CA GLY A 299 18.85 10.19 15.29
C GLY A 299 17.38 9.90 15.59
N SER A 300 16.49 10.20 14.63
CA SER A 300 15.07 10.01 14.86
C SER A 300 14.72 8.54 15.04
N ILE A 301 15.28 7.67 14.20
CA ILE A 301 14.99 6.24 14.31
C ILE A 301 15.58 5.68 15.59
N ALA A 302 16.68 6.24 16.07
CA ALA A 302 17.29 5.75 17.30
C ALA A 302 16.44 6.06 18.52
N ARG A 303 15.87 7.26 18.57
CA ARG A 303 15.09 7.66 19.73
C ARG A 303 13.70 7.01 19.73
N LEU A 304 13.21 6.63 18.55
CA LEU A 304 11.87 6.08 18.46
C LEU A 304 11.76 4.73 19.19
N PHE A 305 12.81 3.91 19.11
CA PHE A 305 12.77 2.61 19.77
C PHE A 305 12.80 2.72 21.29
N LYS A 306 13.12 3.90 21.85
CA LYS A 306 12.98 4.09 23.28
C LYS A 306 11.52 4.03 23.71
N ASN A 307 10.61 4.59 22.90
CA ASN A 307 9.19 4.58 23.20
C ASN A 307 8.69 3.15 23.06
N LEU A 308 8.42 2.50 24.20
CA LEU A 308 7.93 1.13 24.17
C LEU A 308 6.59 1.04 23.46
N ASN A 309 5.70 2.01 23.69
CA ASN A 309 4.38 1.97 23.07
C ASN A 309 4.48 2.00 21.54
N PHE A 310 5.36 2.84 21.00
CA PHE A 310 5.56 2.87 19.56
C PHE A 310 6.14 1.56 19.05
N VAL A 311 7.07 0.97 19.81
CA VAL A 311 7.64 -0.32 19.40
C VAL A 311 6.56 -1.38 19.33
N LEU A 312 5.64 -1.38 20.30
CA LEU A 312 4.54 -2.32 20.27
C LEU A 312 3.65 -2.09 19.04
N LEU A 313 3.40 -0.83 18.70
CA LEU A 313 2.55 -0.52 17.55
C LEU A 313 3.19 -0.98 16.25
N VAL A 314 4.51 -0.77 16.11
CA VAL A 314 5.20 -1.17 14.88
C VAL A 314 5.08 -2.66 14.63
N ILE A 315 5.25 -3.46 15.68
CA ILE A 315 5.11 -4.91 15.55
C ILE A 315 3.67 -5.27 15.18
N THR A 316 2.69 -4.62 15.83
CA THR A 316 1.30 -4.92 15.54
C THR A 316 0.87 -4.38 14.17
N TYR A 317 1.36 -3.21 13.78
CA TYR A 317 1.05 -2.69 12.45
C TYR A 317 1.60 -3.61 11.36
N GLY A 318 2.83 -4.08 11.53
CA GLY A 318 3.38 -5.03 10.59
C GLY A 318 2.61 -6.33 10.56
N LEU A 319 2.11 -6.76 11.73
CA LEU A 319 1.30 -7.98 11.79
C LEU A 319 0.00 -7.82 11.02
N ASN A 320 -0.55 -6.62 10.96
CA ASN A 320 -1.81 -6.38 10.26
C ASN A 320 -1.59 -6.02 8.80
N ALA A 321 -0.80 -4.98 8.54
CA ALA A 321 -0.53 -4.58 7.16
C ALA A 321 0.20 -5.68 6.40
N GLY A 322 1.15 -6.35 7.05
CA GLY A 322 1.83 -7.46 6.41
C GLY A 322 0.90 -8.61 6.09
N ALA A 323 -0.10 -8.84 6.96
CA ALA A 323 -1.11 -9.86 6.67
C ALA A 323 -1.93 -9.49 5.44
N PHE A 324 -2.25 -8.20 5.29
CA PHE A 324 -2.97 -7.76 4.10
C PHE A 324 -2.14 -7.95 2.85
N TYR A 325 -0.83 -7.66 2.93
CA TYR A 325 0.05 -7.85 1.78
C TYR A 325 0.09 -9.32 1.37
N ALA A 326 0.21 -10.23 2.34
CA ALA A 326 0.22 -11.65 2.03
C ALA A 326 -1.14 -12.11 1.50
N LEU A 327 -2.22 -11.59 2.09
CA LEU A 327 -3.56 -11.97 1.63
C LEU A 327 -3.81 -11.50 0.21
N SER A 328 -3.44 -10.26 -0.11
CA SER A 328 -3.65 -9.73 -1.45
C SER A 328 -2.72 -10.39 -2.46
N THR A 329 -1.47 -10.64 -2.08
CA THR A 329 -0.53 -11.28 -3.00
C THR A 329 -0.97 -12.71 -3.32
N LEU A 330 -1.45 -13.43 -2.32
CA LEU A 330 -1.85 -14.83 -2.49
C LEU A 330 -3.33 -14.98 -2.82
N LEU A 331 -4.07 -13.88 -3.01
CA LEU A 331 -5.52 -13.96 -3.14
C LEU A 331 -5.94 -14.83 -4.33
N ASN A 332 -5.12 -14.91 -5.36
CA ASN A 332 -5.47 -15.73 -6.52
C ASN A 332 -5.47 -17.22 -6.17
N ARG A 333 -4.40 -17.63 -5.51
CA ARG A 333 -4.16 -19.05 -5.17
C ARG A 333 -5.18 -19.62 -4.19
N MET A 334 -6.01 -18.79 -3.59
CA MET A 334 -6.99 -19.25 -2.59
C MET A 334 -8.40 -19.11 -3.14
N VAL A 335 -8.72 -17.95 -3.71
CA VAL A 335 -10.05 -17.75 -4.29
C VAL A 335 -10.26 -18.67 -5.47
N ILE A 336 -9.26 -18.80 -6.34
CA ILE A 336 -9.36 -19.74 -7.47
C ILE A 336 -9.05 -21.18 -7.04
N TRP A 337 -8.47 -21.38 -5.87
CA TRP A 337 -8.28 -22.73 -5.33
C TRP A 337 -9.61 -23.40 -5.03
N HIS A 338 -10.57 -22.66 -4.49
CA HIS A 338 -11.88 -23.21 -4.17
C HIS A 338 -12.90 -22.95 -5.26
N TYR A 339 -12.68 -21.92 -6.09
CA TYR A 339 -13.56 -21.59 -7.21
C TYR A 339 -12.74 -21.65 -8.49
N PRO A 340 -12.76 -22.77 -9.21
CA PRO A 340 -12.06 -22.85 -10.49
C PRO A 340 -12.58 -21.79 -11.45
N GLY A 341 -11.65 -21.21 -12.22
CA GLY A 341 -12.02 -20.04 -12.99
C GLY A 341 -12.23 -18.86 -12.06
N GLU A 342 -13.19 -18.00 -12.42
CA GLU A 342 -13.59 -16.84 -11.62
C GLU A 342 -12.45 -15.87 -11.37
N GLU A 343 -11.54 -15.73 -12.33
CA GLU A 343 -10.46 -14.75 -12.18
C GLU A 343 -11.00 -13.33 -12.12
N VAL A 344 -12.03 -13.03 -12.92
CA VAL A 344 -12.61 -11.68 -12.91
C VAL A 344 -13.28 -11.40 -11.57
N ASN A 345 -13.97 -12.40 -10.99
CA ASN A 345 -14.59 -12.21 -9.70
C ASN A 345 -13.55 -12.10 -8.58
N ALA A 346 -12.49 -12.90 -8.66
CA ALA A 346 -11.41 -12.80 -7.68
C ALA A 346 -10.80 -11.40 -7.68
N GLY A 347 -10.74 -10.77 -8.86
CA GLY A 347 -10.33 -9.38 -8.91
C GLY A 347 -11.34 -8.46 -8.26
N ARG A 348 -12.63 -8.75 -8.46
CA ARG A 348 -13.66 -7.96 -7.80
C ARG A 348 -13.61 -8.10 -6.28
N ILE A 349 -13.36 -9.31 -5.78
CA ILE A 349 -13.19 -9.49 -4.34
C ILE A 349 -12.01 -8.68 -3.83
N GLY A 350 -10.89 -8.73 -4.57
CA GLY A 350 -9.76 -7.87 -4.23
C GLY A 350 -10.12 -6.40 -4.28
N LEU A 351 -10.92 -6.01 -5.28
CA LEU A 351 -11.46 -4.65 -5.31
C LEU A 351 -12.41 -4.42 -4.14
N THR A 352 -13.26 -5.40 -3.84
CA THR A 352 -14.20 -5.24 -2.73
C THR A 352 -13.47 -5.06 -1.40
N ILE A 353 -12.39 -5.80 -1.18
CA ILE A 353 -11.61 -5.63 0.04
C ILE A 353 -11.06 -4.22 0.12
N VAL A 354 -10.48 -3.74 -0.98
CA VAL A 354 -9.85 -2.43 -0.97
C VAL A 354 -10.90 -1.32 -0.91
N ILE A 355 -11.97 -1.45 -1.69
CA ILE A 355 -13.00 -0.41 -1.72
C ILE A 355 -13.70 -0.30 -0.37
N ALA A 356 -14.02 -1.45 0.24
CA ALA A 356 -14.66 -1.42 1.55
C ALA A 356 -13.75 -0.79 2.59
N GLY A 357 -12.44 -1.08 2.52
CA GLY A 357 -11.50 -0.44 3.42
C GLY A 357 -11.43 1.06 3.20
N MET A 358 -11.58 1.50 1.96
CA MET A 358 -11.61 2.94 1.68
C MET A 358 -12.82 3.59 2.33
N LEU A 359 -13.98 2.94 2.24
CA LEU A 359 -15.17 3.42 2.95
C LEU A 359 -14.98 3.31 4.46
N GLY A 360 -14.41 2.20 4.92
CA GLY A 360 -14.19 2.03 6.35
C GLY A 360 -13.18 3.00 6.92
N ALA A 361 -12.16 3.36 6.15
CA ALA A 361 -11.17 4.31 6.63
C ALA A 361 -11.78 5.69 6.83
N VAL A 362 -12.67 6.11 5.91
CA VAL A 362 -13.32 7.40 6.03
C VAL A 362 -14.21 7.44 7.27
N ILE A 363 -14.97 6.35 7.49
CA ILE A 363 -15.86 6.30 8.65
C ILE A 363 -15.05 6.39 9.94
N SER A 364 -13.96 5.62 10.03
CA SER A 364 -13.12 5.67 11.23
C SER A 364 -12.47 7.04 11.37
N GLY A 365 -12.03 7.63 10.26
CA GLY A 365 -11.39 8.94 10.34
C GLY A 365 -12.33 10.03 10.85
N ILE A 366 -13.57 10.04 10.36
CA ILE A 366 -14.54 11.00 10.85
C ILE A 366 -14.93 10.70 12.29
N TRP A 367 -15.02 9.42 12.65
CA TRP A 367 -15.34 9.05 14.03
C TRP A 367 -14.27 9.55 14.99
N LEU A 368 -13.00 9.44 14.60
CA LEU A 368 -11.93 9.94 15.45
C LEU A 368 -11.93 11.46 15.53
N ASP A 369 -12.45 12.13 14.49
CA ASP A 369 -12.50 13.59 14.50
C ASP A 369 -13.43 14.12 15.59
N ARG A 370 -14.38 13.32 16.04
CA ARG A 370 -15.31 13.75 17.09
C ARG A 370 -14.95 13.16 18.45
N SER A 371 -14.50 11.91 18.48
CA SER A 371 -14.28 11.20 19.73
C SER A 371 -12.84 11.27 20.22
N LYS A 372 -11.86 11.29 19.31
CA LYS A 372 -10.44 11.28 19.66
C LYS A 372 -10.06 10.05 20.48
N THR A 373 -10.85 8.98 20.38
CA THR A 373 -10.53 7.72 21.08
C THR A 373 -9.58 6.88 20.22
N TYR A 374 -8.36 7.37 20.08
CA TYR A 374 -7.40 6.76 19.17
C TYR A 374 -7.04 5.35 19.61
N LYS A 375 -6.82 5.15 20.91
CA LYS A 375 -6.45 3.83 21.40
C LYS A 375 -7.63 2.86 21.32
N GLU A 376 -8.81 3.29 21.79
CA GLU A 376 -9.97 2.41 21.82
C GLU A 376 -10.41 2.03 20.42
N THR A 377 -10.46 3.00 19.50
CA THR A 377 -10.85 2.70 18.13
C THR A 377 -9.86 1.76 17.46
N THR A 378 -8.56 1.98 17.68
CA THR A 378 -7.54 1.13 17.06
C THR A 378 -7.65 -0.31 17.55
N LEU A 379 -7.85 -0.49 18.85
CA LEU A 379 -7.98 -1.84 19.39
C LEU A 379 -9.25 -2.52 18.87
N VAL A 380 -10.37 -1.78 18.81
CA VAL A 380 -11.61 -2.36 18.33
C VAL A 380 -11.48 -2.75 16.87
N VAL A 381 -10.90 -1.86 16.06
CA VAL A 381 -10.68 -2.17 14.65
C VAL A 381 -9.75 -3.36 14.48
N TYR A 382 -8.68 -3.42 15.28
CA TYR A 382 -7.78 -4.57 15.22
C TYR A 382 -8.50 -5.85 15.61
N ILE A 383 -9.33 -5.80 16.66
CA ILE A 383 -10.13 -6.97 17.02
C ILE A 383 -11.12 -7.29 15.92
N MET A 384 -11.79 -6.27 15.38
CA MET A 384 -12.72 -6.50 14.28
C MET A 384 -12.01 -7.05 13.05
N THR A 385 -10.77 -6.63 12.82
CA THR A 385 -9.96 -7.26 11.77
C THR A 385 -9.76 -8.74 12.06
N LEU A 386 -9.46 -9.08 13.33
CA LEU A 386 -9.29 -10.48 13.69
C LEU A 386 -10.59 -11.26 13.49
N VAL A 387 -11.71 -10.70 13.94
CA VAL A 387 -13.00 -11.36 13.70
C VAL A 387 -13.31 -11.39 12.21
N GLY A 388 -12.97 -10.30 11.49
CA GLY A 388 -13.15 -10.30 10.06
C GLY A 388 -12.28 -11.34 9.37
N MET A 389 -11.03 -11.48 9.83
CA MET A 389 -10.15 -12.48 9.26
C MET A 389 -10.59 -13.90 9.62
N VAL A 390 -11.07 -14.09 10.85
CA VAL A 390 -11.52 -15.41 11.27
C VAL A 390 -12.77 -15.82 10.50
N VAL A 391 -13.72 -14.89 10.34
CA VAL A 391 -14.96 -15.22 9.66
C VAL A 391 -14.72 -15.49 8.18
N TYR A 392 -13.82 -14.74 7.54
CA TYR A 392 -13.51 -14.98 6.14
C TYR A 392 -12.74 -16.29 5.98
N THR A 393 -11.94 -16.64 6.99
CA THR A 393 -11.19 -17.89 6.95
C THR A 393 -12.12 -19.09 6.85
N PHE A 394 -13.21 -19.08 7.62
CA PHE A 394 -14.09 -20.23 7.69
C PHE A 394 -15.25 -20.14 6.71
N THR A 395 -15.53 -18.96 6.15
CA THR A 395 -16.60 -18.83 5.16
C THR A 395 -16.10 -19.02 3.73
N LEU A 396 -14.79 -19.06 3.52
CA LEU A 396 -14.26 -19.27 2.17
C LEU A 396 -14.49 -20.71 1.71
N ASN A 397 -14.65 -21.63 2.66
CA ASN A 397 -14.73 -23.06 2.34
C ASN A 397 -16.09 -23.46 1.76
N LEU A 398 -17.19 -22.89 2.27
CA LEU A 398 -18.53 -23.39 1.91
C LEU A 398 -18.84 -23.26 0.42
N GLY A 399 -18.16 -22.36 -0.30
CA GLY A 399 -18.35 -22.27 -1.73
C GLY A 399 -19.40 -21.29 -2.19
N HIS A 400 -19.97 -20.49 -1.30
CA HIS A 400 -20.92 -19.44 -1.68
C HIS A 400 -20.11 -18.20 -2.02
N LEU A 401 -20.19 -17.78 -3.29
CA LEU A 401 -19.38 -16.65 -3.74
C LEU A 401 -19.80 -15.35 -3.07
N TRP A 402 -21.10 -15.15 -2.89
CA TRP A 402 -21.58 -13.87 -2.35
C TRP A 402 -21.19 -13.69 -0.88
N VAL A 403 -21.17 -14.78 -0.10
CA VAL A 403 -20.75 -14.66 1.29
C VAL A 403 -19.27 -14.30 1.36
N VAL A 404 -18.47 -14.81 0.42
CA VAL A 404 -17.06 -14.43 0.36
C VAL A 404 -16.94 -12.95 0.06
N PHE A 405 -17.82 -12.43 -0.81
CA PHE A 405 -17.83 -10.99 -1.09
C PHE A 405 -18.16 -10.20 0.16
N ILE A 406 -19.12 -10.67 0.96
CA ILE A 406 -19.58 -9.90 2.11
C ILE A 406 -18.49 -9.85 3.19
N THR A 407 -17.93 -11.01 3.56
CA THR A 407 -16.95 -11.04 4.62
C THR A 407 -15.61 -10.44 4.20
N ALA A 408 -15.22 -10.59 2.94
CA ALA A 408 -14.02 -9.93 2.45
C ALA A 408 -14.17 -8.42 2.52
N GLY A 409 -15.35 -7.90 2.16
CA GLY A 409 -15.62 -6.48 2.36
C GLY A 409 -15.70 -6.13 3.83
N THR A 410 -16.31 -7.00 4.63
CA THR A 410 -16.38 -6.77 6.07
C THR A 410 -14.98 -6.79 6.70
N MET A 411 -14.14 -7.74 6.30
CA MET A 411 -12.77 -7.74 6.78
C MET A 411 -12.01 -6.53 6.25
N GLY A 412 -12.15 -6.25 4.96
CA GLY A 412 -11.47 -5.11 4.38
C GLY A 412 -11.88 -3.80 5.02
N PHE A 413 -13.14 -3.70 5.43
CA PHE A 413 -13.62 -2.52 6.15
C PHE A 413 -12.73 -2.21 7.34
N PHE A 414 -12.27 -3.25 8.03
CA PHE A 414 -11.41 -3.06 9.20
C PHE A 414 -9.94 -3.29 8.89
N MET A 415 -9.61 -4.34 8.13
CA MET A 415 -8.21 -4.64 7.84
C MET A 415 -7.57 -3.56 6.98
N THR A 416 -8.23 -3.21 5.87
CA THR A 416 -7.69 -2.17 5.00
C THR A 416 -7.89 -0.79 5.61
N GLY A 417 -8.98 -0.60 6.37
CA GLY A 417 -9.18 0.67 7.05
C GLY A 417 -8.20 0.93 8.17
N TYR A 418 -7.57 -0.14 8.68
CA TYR A 418 -6.56 0.02 9.72
C TYR A 418 -5.28 0.64 9.15
N LEU A 419 -4.99 0.38 7.88
CA LEU A 419 -3.75 0.87 7.27
C LEU A 419 -3.58 2.38 7.39
N PRO A 420 -4.58 3.23 7.09
CA PRO A 420 -4.41 4.67 7.38
C PRO A 420 -4.65 4.98 8.85
N LEU A 421 -5.41 4.11 9.52
CA LEU A 421 -5.64 4.30 10.96
C LEU A 421 -4.35 4.15 11.75
N GLY A 422 -3.52 3.16 11.39
CA GLY A 422 -2.26 2.95 12.10
C GLY A 422 -1.31 4.12 11.97
N PHE A 423 -1.29 4.78 10.81
CA PHE A 423 -0.46 5.97 10.65
C PHE A 423 -0.94 7.11 11.54
N GLU A 424 -2.26 7.27 11.67
CA GLU A 424 -2.80 8.32 12.53
C GLU A 424 -2.50 8.03 13.99
N PHE A 425 -2.62 6.77 14.40
CA PHE A 425 -2.33 6.42 15.79
C PHE A 425 -0.83 6.49 16.07
N ALA A 426 0.00 6.25 15.06
CA ALA A 426 1.44 6.33 15.25
C ALA A 426 1.89 7.74 15.60
N VAL A 427 1.29 8.75 14.94
CA VAL A 427 1.62 10.14 15.25
C VAL A 427 1.20 10.48 16.66
N GLU A 428 0.12 9.86 17.14
CA GLU A 428 -0.35 10.09 18.50
C GLU A 428 0.75 9.78 19.52
N LEU A 429 1.44 8.65 19.35
CA LEU A 429 2.45 8.24 20.30
C LEU A 429 3.82 8.86 20.03
N THR A 430 4.01 9.45 18.84
CA THR A 430 5.32 9.94 18.44
C THR A 430 5.41 11.45 18.25
N TYR A 431 4.33 12.19 18.49
CA TYR A 431 4.39 13.63 18.39
C TYR A 431 5.43 14.17 19.39
N PRO A 432 6.28 15.12 19.00
CA PRO A 432 6.30 15.84 17.72
C PRO A 432 7.24 15.28 16.64
N GLU A 433 7.60 14.00 16.69
CA GLU A 433 8.44 13.45 15.64
C GLU A 433 7.73 13.51 14.29
N SER A 434 8.50 13.74 13.24
CA SER A 434 7.92 13.93 11.92
C SER A 434 7.21 12.67 11.44
N GLU A 435 6.12 12.84 10.69
CA GLU A 435 5.34 11.66 10.24
C GLU A 435 6.20 10.79 9.34
N GLY A 436 7.14 11.38 8.60
CA GLY A 436 7.91 10.58 7.66
C GLY A 436 8.63 9.41 8.31
N ILE A 437 9.27 9.67 9.46
CA ILE A 437 10.00 8.61 10.15
C ILE A 437 9.04 7.54 10.66
N SER A 438 7.93 7.98 11.28
CA SER A 438 6.96 7.04 11.83
C SER A 438 6.34 6.18 10.74
N SER A 439 5.90 6.82 9.65
CA SER A 439 5.31 6.08 8.54
C SER A 439 6.33 5.16 7.89
N GLY A 440 7.58 5.62 7.76
CA GLY A 440 8.60 4.79 7.15
C GLY A 440 8.89 3.54 7.95
N LEU A 441 8.94 3.66 9.27
CA LEU A 441 9.28 2.43 10.05
C LEU A 441 8.08 1.51 10.02
N LEU A 442 6.86 2.05 10.10
CA LEU A 442 5.69 1.18 9.92
C LEU A 442 5.70 0.54 8.55
N ASN A 443 6.11 1.29 7.52
CA ASN A 443 6.21 0.71 6.19
C ASN A 443 7.22 -0.42 6.14
N ILE A 444 8.37 -0.23 6.80
CA ILE A 444 9.37 -1.30 6.87
C ILE A 444 8.79 -2.51 7.57
N SER A 445 8.09 -2.30 8.69
CA SER A 445 7.48 -3.41 9.41
C SER A 445 6.45 -4.13 8.54
N ALA A 446 5.69 -3.37 7.75
CA ALA A 446 4.76 -3.99 6.81
C ALA A 446 5.50 -4.82 5.76
N GLN A 447 6.61 -4.29 5.24
CA GLN A 447 7.41 -5.05 4.27
C GLN A 447 8.01 -6.29 4.91
N VAL A 448 8.59 -6.14 6.10
CA VAL A 448 9.29 -7.25 6.74
C VAL A 448 8.32 -8.37 7.08
N PHE A 449 7.21 -8.05 7.74
CA PHE A 449 6.25 -9.09 8.10
C PHE A 449 5.49 -9.59 6.90
N GLY A 450 5.26 -8.75 5.90
CA GLY A 450 4.63 -9.21 4.67
C GLY A 450 5.44 -10.28 3.98
N ILE A 451 6.76 -10.06 3.87
CA ILE A 451 7.63 -11.05 3.26
C ILE A 451 7.62 -12.35 4.06
N ILE A 452 7.72 -12.23 5.38
CA ILE A 452 7.67 -13.43 6.24
C ILE A 452 6.34 -14.14 6.08
N PHE A 453 5.24 -13.36 6.09
CA PHE A 453 3.92 -13.96 5.93
C PHE A 453 3.74 -14.56 4.55
N THR A 454 4.13 -13.83 3.50
CA THR A 454 3.92 -14.31 2.13
C THR A 454 4.72 -15.59 1.88
N ILE A 455 5.97 -15.63 2.33
CA ILE A 455 6.78 -16.84 2.16
C ILE A 455 6.21 -17.98 2.99
N SER A 456 5.92 -17.71 4.26
CA SER A 456 5.43 -18.77 5.14
C SER A 456 4.05 -19.25 4.70
N GLN A 457 3.10 -18.32 4.51
CA GLN A 457 1.77 -18.71 4.09
C GLN A 457 1.79 -19.36 2.71
N GLY A 458 2.70 -18.92 1.83
CA GLY A 458 2.88 -19.58 0.56
C GLY A 458 3.31 -21.02 0.72
N GLN A 459 4.23 -21.28 1.66
CA GLN A 459 4.65 -22.65 1.92
C GLN A 459 3.57 -23.43 2.66
N ILE A 460 2.80 -22.75 3.51
CA ILE A 460 1.71 -23.42 4.21
C ILE A 460 0.60 -23.81 3.23
N ILE A 461 0.33 -22.96 2.25
CA ILE A 461 -0.71 -23.26 1.26
C ILE A 461 -0.32 -24.49 0.44
N ASP A 462 0.93 -24.54 -0.02
CA ASP A 462 1.38 -25.67 -0.82
C ASP A 462 1.40 -26.96 0.01
N ASN A 463 1.83 -26.88 1.25
CA ASN A 463 2.07 -28.08 2.06
C ASN A 463 0.86 -28.48 2.90
N TYR A 464 0.03 -27.53 3.32
CA TYR A 464 -1.07 -27.84 4.23
C TYR A 464 -2.41 -27.26 3.81
N GLY A 465 -2.49 -26.55 2.68
CA GLY A 465 -3.75 -26.03 2.21
C GLY A 465 -3.97 -24.57 2.54
N THR A 466 -5.09 -24.05 2.06
CA THR A 466 -5.42 -22.63 2.21
C THR A 466 -5.87 -22.25 3.61
N LYS A 467 -6.69 -23.07 4.27
CA LYS A 467 -7.19 -22.70 5.59
C LYS A 467 -6.08 -22.55 6.62
N PRO A 468 -5.13 -23.49 6.76
CA PRO A 468 -4.04 -23.26 7.71
C PRO A 468 -3.23 -22.01 7.40
N GLY A 469 -3.08 -21.66 6.13
CA GLY A 469 -2.43 -20.40 5.80
C GLY A 469 -3.22 -19.19 6.30
N ASN A 470 -4.54 -19.25 6.21
CA ASN A 470 -5.36 -18.16 6.74
C ASN A 470 -5.38 -18.17 8.25
N ILE A 471 -5.47 -19.37 8.86
CA ILE A 471 -5.39 -19.47 10.32
C ILE A 471 -4.05 -18.95 10.81
N PHE A 472 -2.98 -19.21 10.05
CA PHE A 472 -1.66 -18.66 10.38
C PHE A 472 -1.72 -17.14 10.45
N LEU A 473 -2.48 -16.51 9.55
CA LEU A 473 -2.68 -15.07 9.64
C LEU A 473 -3.55 -14.71 10.86
N CYS A 474 -4.55 -15.54 11.15
CA CYS A 474 -5.40 -15.27 12.31
C CYS A 474 -4.62 -15.36 13.61
N VAL A 475 -3.69 -16.31 13.70
CA VAL A 475 -2.90 -16.46 14.92
C VAL A 475 -2.05 -15.22 15.17
N PHE A 476 -1.41 -14.70 14.12
CA PHE A 476 -0.61 -13.49 14.28
C PHE A 476 -1.48 -12.25 14.48
N LEU A 477 -2.68 -12.25 13.92
CA LEU A 477 -3.62 -11.17 14.23
C LEU A 477 -4.17 -11.31 15.65
N THR A 478 -4.35 -12.55 16.13
CA THR A 478 -4.67 -12.75 17.53
C THR A 478 -3.54 -12.25 18.42
N LEU A 479 -2.30 -12.56 18.04
CA LEU A 479 -1.15 -11.99 18.74
C LEU A 479 -1.12 -10.47 18.61
N GLY A 480 -1.43 -9.96 17.42
CA GLY A 480 -1.51 -8.52 17.26
C GLY A 480 -2.64 -7.90 18.04
N ALA A 481 -3.81 -8.56 18.07
CA ALA A 481 -4.93 -8.06 18.86
C ALA A 481 -4.59 -8.07 20.35
N ALA A 482 -3.98 -9.15 20.83
CA ALA A 482 -3.56 -9.21 22.23
C ALA A 482 -2.48 -8.17 22.52
N LEU A 483 -1.53 -8.01 21.60
CA LEU A 483 -0.43 -7.06 21.81
C LEU A 483 -0.95 -5.63 21.83
N THR A 484 -1.91 -5.30 20.96
CA THR A 484 -2.46 -3.95 20.95
C THR A 484 -3.17 -3.62 22.25
N ALA A 485 -3.70 -4.64 22.95
CA ALA A 485 -4.38 -4.40 24.21
C ALA A 485 -3.41 -3.88 25.27
N PHE A 486 -2.14 -4.27 25.18
CA PHE A 486 -1.13 -3.81 26.13
C PHE A 486 -0.55 -2.44 25.76
N ILE A 487 -0.93 -1.89 24.60
CA ILE A 487 -0.47 -0.55 24.24
C ILE A 487 -1.18 0.47 25.12
N LYS A 488 -0.40 1.34 25.74
CA LYS A 488 -0.97 2.39 26.57
C LYS A 488 -1.35 3.60 25.71
N ALA A 489 -2.40 4.30 26.14
CA ALA A 489 -2.87 5.46 25.40
C ALA A 489 -1.99 6.67 25.68
N ASP A 490 -0.71 6.57 25.34
CA ASP A 490 0.24 7.67 25.53
C ASP A 490 0.12 8.68 24.39
N LEU A 491 -1.03 9.34 24.35
CA LEU A 491 -1.34 10.30 23.30
C LEU A 491 -0.67 11.64 23.62
N ARG A 492 0.61 11.73 23.25
CA ARG A 492 1.38 12.94 23.54
C ARG A 492 0.96 14.12 22.68
N ARG A 493 0.40 13.89 21.49
CA ARG A 493 -0.16 15.01 20.73
C ARG A 493 -1.36 15.61 21.46
N GLN A 494 -2.21 14.75 22.05
CA GLN A 494 -3.34 15.23 22.81
C GLN A 494 -2.88 16.04 24.02
N LYS A 495 -1.80 15.59 24.68
CA LYS A 495 -1.21 16.37 25.76
C LYS A 495 -0.69 17.70 25.24
N ALA A 496 -0.01 17.68 24.09
CA ALA A 496 0.50 18.92 23.50
C ALA A 496 -0.65 19.83 23.06
N ASN A 497 -1.71 19.26 22.50
CA ASN A 497 -2.83 20.08 22.03
C ASN A 497 -3.50 20.81 23.19
N LYS A 498 -3.80 20.08 24.27
CA LYS A 498 -4.45 20.73 25.41
C LYS A 498 -3.50 21.68 26.13
N GLU A 499 -2.18 21.44 26.03
CA GLU A 499 -1.22 22.39 26.58
C GLU A 499 -1.26 23.72 25.83
N THR A 500 -1.37 23.68 24.50
CA THR A 500 -1.51 24.90 23.73
C THR A 500 -2.85 25.58 24.01
N LEU A 501 -3.92 24.79 24.15
CA LEU A 501 -5.23 25.36 24.48
C LEU A 501 -5.21 26.04 25.85
N GLU A 502 -4.55 25.41 26.83
CA GLU A 502 -4.46 25.99 28.16
C GLU A 502 -3.00 26.07 28.62
#